data_5RZR
#
_entry.id   5RZR
#
_cell.length_a   38.740
_cell.length_b   77.480
_cell.length_c   99.630
_cell.angle_alpha   90.000
_cell.angle_beta   90.000
_cell.angle_gamma   90.000
#
_symmetry.space_group_name_H-M   'P 21 21 21'
#
loop_
_entity.id
_entity.type
_entity.pdbx_description
1 polymer 'Isoform 2 of Band 4.1-like protein 3'
2 non-polymer N-(2-fluorophenyl)ethanesulfonamide
3 non-polymer 'DIMETHYL SULFOXIDE'
4 non-polymer 1,2-ETHANEDIOL
5 water water
#
_entity_poly.entity_id   1
_entity_poly.type   'polypeptide(L)'
_entity_poly.pdbx_seq_one_letter_code
;SMPKSMQCKVILLDGSEYTCDVEKRSRGQVLFDKVCEHLNLLEKDYFGLTYRDAENQKNWLDPAKEIKKQVRSGAWHFSF
NVKFYPPDPAQLSEDITRYYLCLQLRDDIVSGRLPCSFVTLALLGSYTVQSELGDYDPDECGSDYISEFRFAPNHTKELE
DKVIELHKSHRGMTPAEAEMHFLENAKKLSMYGVDLHHAKDSEGVEIMLGVCASGLLIYRDRLRINRFAWPKVLKISYKR
NNFYIKIRPGEFEQFESTIGFKLPNHRAAKRLWKVCVEHHTFFRLL
;
_entity_poly.pdbx_strand_id   A
#
# COMPACT_ATOMS: atom_id res chain seq x y z
N PRO A 3 14.58 17.50 28.66
CA PRO A 3 14.38 16.85 27.34
C PRO A 3 13.20 17.46 26.56
N LYS A 4 13.45 18.00 25.37
CA LYS A 4 12.39 18.67 24.59
C LYS A 4 11.65 17.68 23.70
N SER A 5 10.32 17.68 23.77
N SER A 5 10.32 17.65 23.82
CA SER A 5 9.45 16.72 23.06
CA SER A 5 9.40 16.77 23.09
C SER A 5 8.59 17.44 22.01
C SER A 5 8.80 17.52 21.90
N MET A 6 8.35 16.78 20.87
CA MET A 6 7.57 17.33 19.72
C MET A 6 6.24 16.58 19.67
N GLN A 7 5.16 17.31 19.41
CA GLN A 7 3.83 16.69 19.25
C GLN A 7 3.76 16.05 17.86
N CYS A 8 3.40 14.77 17.78
CA CYS A 8 3.22 14.02 16.51
C CYS A 8 1.75 13.74 16.31
N LYS A 9 1.23 13.96 15.11
CA LYS A 9 -0.13 13.58 14.71
C LYS A 9 -0.06 12.53 13.60
N VAL A 10 -0.80 11.44 13.79
CA VAL A 10 -0.78 10.28 12.86
C VAL A 10 -2.19 9.96 12.43
N ILE A 11 -2.47 10.02 11.13
CA ILE A 11 -3.73 9.56 10.52
C ILE A 11 -3.72 8.03 10.49
N LEU A 12 -4.63 7.41 11.26
CA LEU A 12 -4.80 5.94 11.33
C LEU A 12 -5.67 5.46 10.17
N LEU A 13 -5.65 4.16 9.88
CA LEU A 13 -6.31 3.63 8.68
C LEU A 13 -7.84 3.73 8.77
N ASP A 14 -8.40 3.87 9.99
CA ASP A 14 -9.87 4.08 10.20
C ASP A 14 -10.20 5.55 10.02
N GLY A 15 -9.22 6.40 9.67
CA GLY A 15 -9.43 7.84 9.39
C GLY A 15 -9.33 8.73 10.62
N SER A 16 -9.09 8.16 11.80
CA SER A 16 -8.94 8.92 13.07
C SER A 16 -7.48 9.37 13.26
N GLU A 17 -7.27 10.31 14.18
CA GLU A 17 -5.97 10.96 14.48
C GLU A 17 -5.43 10.44 15.82
N TYR A 18 -4.24 9.85 15.85
CA TYR A 18 -3.52 9.56 17.09
C TYR A 18 -2.51 10.69 17.33
N THR A 19 -2.51 11.25 18.55
CA THR A 19 -1.56 12.29 18.99
C THR A 19 -0.62 11.67 20.01
N CYS A 20 0.68 11.90 19.88
CA CYS A 20 1.66 11.57 20.95
C CYS A 20 2.85 12.53 20.88
N ASP A 21 3.78 12.37 21.80
CA ASP A 21 4.98 13.22 21.92
C ASP A 21 6.18 12.29 21.86
N VAL A 22 7.24 12.71 21.20
CA VAL A 22 8.57 12.04 21.25
C VAL A 22 9.62 13.12 21.48
N GLU A 23 10.75 12.76 22.09
CA GLU A 23 11.91 13.66 22.19
C GLU A 23 12.26 14.13 20.77
N LYS A 24 12.60 15.41 20.60
CA LYS A 24 12.75 16.06 19.26
C LYS A 24 13.87 15.42 18.43
N ARG A 25 14.85 14.74 19.05
CA ARG A 25 15.94 14.02 18.32
C ARG A 25 15.57 12.54 18.10
N SER A 26 14.35 12.13 18.34
CA SER A 26 13.90 10.72 18.17
C SER A 26 14.09 10.23 16.72
N ARG A 27 14.49 8.97 16.59
CA ARG A 27 14.44 8.21 15.32
C ARG A 27 12.99 7.81 15.03
N GLY A 28 12.69 7.50 13.78
CA GLY A 28 11.32 7.15 13.36
C GLY A 28 10.79 5.95 14.12
N GLN A 29 11.66 4.97 14.47
CA GLN A 29 11.23 3.72 15.15
C GLN A 29 10.50 4.09 16.43
N VAL A 30 10.96 5.13 17.13
CA VAL A 30 10.36 5.52 18.45
C VAL A 30 8.87 5.79 18.22
N LEU A 31 8.53 6.65 17.25
CA LEU A 31 7.12 7.03 16.97
C LEU A 31 6.36 5.80 16.46
N PHE A 32 6.96 5.07 15.55
CA PHE A 32 6.31 3.86 14.97
C PHE A 32 5.93 2.88 16.10
N ASP A 33 6.85 2.59 17.01
CA ASP A 33 6.61 1.68 18.17
C ASP A 33 5.40 2.19 18.96
N LYS A 34 5.33 3.50 19.26
CA LYS A 34 4.17 4.09 19.97
C LYS A 34 2.88 3.86 19.18
N VAL A 35 2.87 4.08 17.86
CA VAL A 35 1.63 3.92 17.05
C VAL A 35 1.21 2.44 17.05
N CYS A 36 2.14 1.54 16.84
CA CYS A 36 1.85 0.08 16.80
C CYS A 36 1.33 -0.41 18.16
N GLU A 37 1.88 0.07 19.27
CA GLU A 37 1.37 -0.29 20.62
C GLU A 37 -0.06 0.21 20.73
N HIS A 38 -0.31 1.47 20.37
CA HIS A 38 -1.69 2.01 20.37
C HIS A 38 -2.61 1.07 19.59
N LEU A 39 -2.16 0.57 18.45
CA LEU A 39 -3.03 -0.22 17.54
C LEU A 39 -3.10 -1.70 17.98
N ASN A 40 -2.35 -2.11 19.02
CA ASN A 40 -2.17 -3.52 19.48
C ASN A 40 -1.65 -4.38 18.33
N LEU A 41 -0.70 -3.85 17.58
CA LEU A 41 -0.16 -4.50 16.36
C LEU A 41 1.22 -5.06 16.71
N LEU A 42 1.36 -6.37 16.53
CA LEU A 42 2.61 -7.12 16.80
C LEU A 42 3.34 -7.41 15.49
N GLU A 43 2.61 -7.67 14.40
CA GLU A 43 3.23 -7.98 13.10
C GLU A 43 3.55 -6.67 12.39
N LYS A 44 4.50 -5.92 12.94
CA LYS A 44 4.78 -4.51 12.55
C LYS A 44 5.56 -4.41 11.22
N ASP A 45 6.29 -5.45 10.81
CA ASP A 45 7.20 -5.51 9.64
C ASP A 45 6.54 -5.07 8.32
N TYR A 46 5.23 -5.31 8.15
CA TYR A 46 4.50 -4.99 6.90
C TYR A 46 4.14 -3.50 6.81
N PHE A 47 4.32 -2.73 7.88
CA PHE A 47 3.75 -1.36 7.98
C PHE A 47 4.85 -0.30 8.15
N GLY A 48 4.46 0.96 8.09
CA GLY A 48 5.34 2.11 8.25
C GLY A 48 4.52 3.38 8.39
N LEU A 49 5.21 4.47 8.59
CA LEU A 49 4.65 5.84 8.61
C LEU A 49 5.11 6.54 7.35
N THR A 50 4.20 7.31 6.76
CA THR A 50 4.50 8.22 5.64
C THR A 50 4.35 9.65 6.14
N TYR A 51 5.11 10.55 5.53
CA TYR A 51 4.95 12.00 5.68
C TYR A 51 5.01 12.62 4.29
N ARG A 52 4.62 13.89 4.20
CA ARG A 52 4.59 14.67 2.94
C ARG A 52 5.82 15.57 2.94
N ASP A 53 6.62 15.57 1.88
CA ASP A 53 7.89 16.36 1.87
C ASP A 53 7.51 17.76 1.42
N ALA A 54 8.53 18.61 1.23
CA ALA A 54 8.38 20.04 0.87
C ALA A 54 7.78 20.17 -0.53
N GLU A 55 7.89 19.12 -1.37
CA GLU A 55 7.25 19.09 -2.72
C GLU A 55 5.78 18.54 -2.63
N ASN A 56 5.36 18.13 -1.39
CA ASN A 56 4.06 17.46 -1.08
C ASN A 56 4.02 16.01 -1.62
N GLN A 57 5.17 15.35 -1.71
CA GLN A 57 5.24 13.93 -2.13
C GLN A 57 5.23 13.06 -0.85
N LYS A 58 4.55 11.92 -0.92
CA LYS A 58 4.54 10.88 0.14
C LYS A 58 5.93 10.25 0.18
N ASN A 59 6.52 10.22 1.35
CA ASN A 59 7.81 9.55 1.63
C ASN A 59 7.59 8.59 2.79
N TRP A 60 8.27 7.44 2.80
CA TRP A 60 8.35 6.58 4.00
C TRP A 60 9.23 7.25 5.06
N LEU A 61 8.76 7.31 6.30
CA LEU A 61 9.60 7.71 7.44
C LEU A 61 10.60 6.58 7.67
N ASP A 62 11.91 6.86 7.58
CA ASP A 62 12.96 5.86 7.88
C ASP A 62 13.05 5.66 9.38
N PRO A 63 12.77 4.46 9.88
CA PRO A 63 12.76 4.21 11.33
C PRO A 63 14.15 4.35 11.96
N ALA A 64 15.21 4.19 11.16
CA ALA A 64 16.62 4.24 11.60
C ALA A 64 17.15 5.67 11.67
N LYS A 65 16.46 6.67 11.08
CA LYS A 65 16.97 8.06 10.99
C LYS A 65 16.14 9.00 11.86
N GLU A 66 16.73 10.11 12.28
CA GLU A 66 16.03 11.12 13.09
C GLU A 66 14.78 11.60 12.31
N ILE A 67 13.67 11.76 13.00
CA ILE A 67 12.41 12.26 12.41
C ILE A 67 12.66 13.66 11.85
N LYS A 68 13.36 14.51 12.63
CA LYS A 68 13.55 15.93 12.29
C LYS A 68 14.39 16.03 11.00
N LYS A 69 15.28 15.08 10.72
CA LYS A 69 16.13 15.14 9.50
C LYS A 69 15.32 14.68 8.28
N GLN A 70 14.11 14.18 8.50
CA GLN A 70 13.24 13.69 7.40
C GLN A 70 12.15 14.74 7.16
N VAL A 71 11.41 15.15 8.19
CA VAL A 71 10.27 16.09 8.02
C VAL A 71 10.85 17.49 7.76
N ARG A 72 12.08 17.71 8.24
CA ARG A 72 12.90 18.94 8.01
C ARG A 72 12.05 20.16 8.36
N SER A 73 11.58 20.92 7.38
CA SER A 73 10.87 22.19 7.60
C SER A 73 9.37 21.93 7.80
N GLY A 74 8.86 20.73 7.48
CA GLY A 74 7.41 20.43 7.53
C GLY A 74 6.89 20.07 8.92
N ALA A 75 5.57 19.97 9.03
CA ALA A 75 4.83 19.63 10.26
C ALA A 75 5.15 18.18 10.64
N TRP A 76 5.06 17.85 11.91
CA TRP A 76 5.21 16.45 12.41
C TRP A 76 3.85 15.74 12.31
N HIS A 77 3.40 15.58 11.06
CA HIS A 77 2.12 14.95 10.69
C HIS A 77 2.45 13.73 9.81
N PHE A 78 1.81 12.60 10.08
CA PHE A 78 2.15 11.32 9.41
C PHE A 78 0.86 10.57 9.14
N SER A 79 0.96 9.53 8.33
CA SER A 79 -0.10 8.50 8.14
C SER A 79 0.51 7.15 8.46
N PHE A 80 -0.28 6.26 9.02
CA PHE A 80 0.06 4.84 9.24
C PHE A 80 -0.41 4.06 8.03
N ASN A 81 0.47 3.29 7.40
CA ASN A 81 0.18 2.62 6.11
C ASN A 81 0.84 1.25 6.02
N VAL A 82 0.27 0.41 5.18
CA VAL A 82 0.92 -0.86 4.74
C VAL A 82 2.07 -0.45 3.81
N LYS A 83 3.26 -0.94 4.10
CA LYS A 83 4.47 -0.71 3.27
C LYS A 83 4.71 -1.93 2.38
N PHE A 84 4.68 -3.13 2.95
CA PHE A 84 4.92 -4.40 2.22
C PHE A 84 3.63 -5.21 2.21
N TYR A 85 2.94 -5.25 1.07
CA TYR A 85 1.64 -5.95 0.96
C TYR A 85 1.95 -7.43 0.86
N PRO A 86 1.57 -8.28 1.83
CA PRO A 86 1.90 -9.71 1.75
C PRO A 86 1.16 -10.38 0.59
N PRO A 87 1.85 -11.13 -0.28
CA PRO A 87 1.15 -11.89 -1.32
C PRO A 87 0.23 -13.00 -0.80
N ASP A 88 0.48 -13.44 0.44
CA ASP A 88 -0.23 -14.57 1.11
C ASP A 88 -0.73 -14.13 2.47
N PRO A 89 -1.77 -13.26 2.56
CA PRO A 89 -2.22 -12.77 3.85
C PRO A 89 -2.73 -13.86 4.79
N ALA A 90 -3.14 -15.03 4.26
CA ALA A 90 -3.49 -16.22 5.08
C ALA A 90 -2.28 -16.61 5.94
N GLN A 91 -1.05 -16.27 5.52
CA GLN A 91 0.17 -16.71 6.25
C GLN A 91 0.47 -15.73 7.38
N LEU A 92 -0.21 -14.59 7.47
CA LEU A 92 0.03 -13.70 8.62
C LEU A 92 -0.44 -14.41 9.91
N SER A 93 0.23 -14.16 11.05
CA SER A 93 -0.06 -14.94 12.27
C SER A 93 -1.29 -14.36 13.01
N GLU A 94 -1.69 -13.10 12.79
CA GLU A 94 -2.77 -12.51 13.60
C GLU A 94 -3.87 -11.92 12.72
N ASP A 95 -5.11 -12.11 13.20
CA ASP A 95 -6.32 -11.50 12.61
C ASP A 95 -6.18 -9.97 12.65
N ILE A 96 -5.60 -9.38 13.69
CA ILE A 96 -5.60 -7.90 13.77
C ILE A 96 -4.71 -7.36 12.66
N THR A 97 -3.68 -8.11 12.25
CA THR A 97 -2.80 -7.74 11.11
C THR A 97 -3.64 -7.72 9.85
N ARG A 98 -4.45 -8.76 9.66
CA ARG A 98 -5.28 -8.89 8.43
C ARG A 98 -6.31 -7.76 8.42
N TYR A 99 -6.79 -7.37 9.60
CA TYR A 99 -7.75 -6.25 9.79
C TYR A 99 -7.14 -4.94 9.27
N TYR A 100 -5.95 -4.56 9.70
CA TYR A 100 -5.28 -3.31 9.24
C TYR A 100 -5.04 -3.42 7.74
N LEU A 101 -4.64 -4.60 7.25
CA LEU A 101 -4.42 -4.77 5.80
C LEU A 101 -5.73 -4.48 5.04
N CYS A 102 -6.88 -4.97 5.52
CA CYS A 102 -8.20 -4.71 4.90
C CYS A 102 -8.45 -3.19 4.91
N LEU A 103 -8.21 -2.52 6.03
CA LEU A 103 -8.50 -1.07 6.08
C LEU A 103 -7.67 -0.36 4.99
N GLN A 104 -6.40 -0.75 4.85
CA GLN A 104 -5.51 -0.09 3.86
C GLN A 104 -6.08 -0.33 2.47
N LEU A 105 -6.44 -1.59 2.18
CA LEU A 105 -6.94 -1.95 0.86
C LEU A 105 -8.25 -1.23 0.56
N ARG A 106 -9.13 -1.08 1.54
CA ARG A 106 -10.38 -0.31 1.32
C ARG A 106 -10.04 1.11 0.84
N ASP A 107 -9.01 1.75 1.40
CA ASP A 107 -8.58 3.11 0.97
C ASP A 107 -7.93 3.05 -0.42
N ASP A 108 -7.14 2.01 -0.67
CA ASP A 108 -6.55 1.75 -1.99
C ASP A 108 -7.69 1.74 -3.03
N ILE A 109 -8.81 1.11 -2.70
CA ILE A 109 -9.88 0.90 -3.69
C ILE A 109 -10.60 2.25 -3.87
N VAL A 110 -11.05 2.88 -2.78
CA VAL A 110 -11.90 4.11 -2.81
C VAL A 110 -11.10 5.21 -3.55
N SER A 111 -9.79 5.28 -3.28
CA SER A 111 -8.86 6.26 -3.86
C SER A 111 -8.67 6.03 -5.36
N GLY A 112 -8.90 4.80 -5.85
CA GLY A 112 -8.63 4.41 -7.25
C GLY A 112 -7.20 3.97 -7.50
N ARG A 113 -6.34 3.88 -6.47
CA ARG A 113 -4.98 3.30 -6.61
C ARG A 113 -5.06 1.82 -6.97
N LEU A 114 -6.16 1.13 -6.59
CA LEU A 114 -6.34 -0.32 -6.82
C LEU A 114 -7.60 -0.53 -7.65
N PRO A 115 -7.45 -0.57 -8.98
CA PRO A 115 -8.60 -0.70 -9.87
C PRO A 115 -9.22 -2.05 -9.61
N CYS A 116 -10.51 -2.14 -9.88
N CYS A 116 -10.55 -2.09 -9.68
CA CYS A 116 -11.36 -3.26 -9.46
CA CYS A 116 -11.40 -3.28 -9.46
C CYS A 116 -12.62 -3.30 -10.33
C CYS A 116 -12.55 -3.29 -10.47
N SER A 117 -12.99 -4.49 -10.85
CA SER A 117 -14.24 -4.70 -11.62
C SER A 117 -15.43 -4.40 -10.70
N PHE A 118 -16.57 -4.10 -11.30
CA PHE A 118 -17.87 -3.96 -10.62
C PHE A 118 -18.09 -5.11 -9.64
N VAL A 119 -17.99 -6.35 -10.12
CA VAL A 119 -18.33 -7.53 -9.30
C VAL A 119 -17.38 -7.63 -8.11
N THR A 120 -16.08 -7.39 -8.31
CA THR A 120 -15.10 -7.44 -7.20
C THR A 120 -15.31 -6.27 -6.23
N LEU A 121 -15.63 -5.07 -6.71
CA LEU A 121 -16.02 -3.98 -5.79
C LEU A 121 -17.18 -4.43 -4.90
N ALA A 122 -18.23 -5.03 -5.47
CA ALA A 122 -19.43 -5.45 -4.71
C ALA A 122 -19.06 -6.60 -3.76
N LEU A 123 -18.25 -7.56 -4.20
CA LEU A 123 -17.88 -8.69 -3.32
C LEU A 123 -17.03 -8.21 -2.12
N LEU A 124 -15.99 -7.43 -2.36
CA LEU A 124 -15.15 -6.81 -1.30
C LEU A 124 -16.04 -5.99 -0.36
N GLY A 125 -16.93 -5.16 -0.91
CA GLY A 125 -17.84 -4.36 -0.07
C GLY A 125 -18.70 -5.26 0.82
N SER A 126 -19.24 -6.36 0.26
CA SER A 126 -20.14 -7.28 1.01
C SER A 126 -19.37 -7.94 2.18
N TYR A 127 -18.10 -8.29 2.00
CA TYR A 127 -17.26 -8.83 3.10
C TYR A 127 -17.05 -7.73 4.16
N THR A 128 -16.71 -6.51 3.76
CA THR A 128 -16.56 -5.39 4.75
C THR A 128 -17.87 -5.28 5.55
N VAL A 129 -19.01 -5.18 4.86
CA VAL A 129 -20.30 -4.99 5.58
C VAL A 129 -20.46 -6.16 6.55
N GLN A 130 -20.23 -7.41 6.11
CA GLN A 130 -20.43 -8.60 6.96
C GLN A 130 -19.53 -8.50 8.19
N SER A 131 -18.25 -8.17 7.99
N SER A 131 -18.26 -8.13 8.00
CA SER A 131 -17.27 -7.98 9.08
CA SER A 131 -17.26 -8.00 9.09
C SER A 131 -17.81 -6.95 10.07
C SER A 131 -17.67 -6.89 10.07
N GLU A 132 -18.27 -5.81 9.56
CA GLU A 132 -18.62 -4.62 10.43
C GLU A 132 -20.05 -4.62 10.97
N LEU A 133 -21.04 -5.13 10.25
CA LEU A 133 -22.46 -5.10 10.75
C LEU A 133 -22.87 -6.51 11.18
N GLY A 134 -22.15 -7.54 10.76
CA GLY A 134 -22.62 -8.92 10.94
C GLY A 134 -23.68 -9.27 9.91
N ASP A 135 -24.61 -10.16 10.26
CA ASP A 135 -25.55 -10.79 9.31
C ASP A 135 -26.44 -9.73 8.69
N TYR A 136 -26.78 -9.90 7.41
CA TYR A 136 -27.76 -9.06 6.68
C TYR A 136 -29.03 -8.93 7.55
N ASP A 137 -29.52 -7.70 7.70
CA ASP A 137 -30.83 -7.37 8.31
C ASP A 137 -31.62 -6.49 7.35
N PRO A 138 -32.82 -6.93 6.89
CA PRO A 138 -33.64 -6.12 5.99
C PRO A 138 -34.16 -4.81 6.61
N ASP A 139 -34.28 -4.78 7.94
CA ASP A 139 -34.91 -3.67 8.72
C ASP A 139 -34.11 -2.38 8.51
N GLU A 140 -32.82 -2.48 8.20
CA GLU A 140 -31.91 -1.31 8.05
C GLU A 140 -31.90 -0.86 6.58
N CYS A 141 -32.11 -1.80 5.65
CA CYS A 141 -31.99 -1.58 4.18
C CYS A 141 -33.34 -1.78 3.50
N GLY A 142 -33.91 -0.71 2.93
CA GLY A 142 -35.06 -0.77 2.01
C GLY A 142 -34.56 -0.85 0.58
N SER A 143 -35.47 -0.80 -0.40
CA SER A 143 -35.16 -0.88 -1.85
C SER A 143 -34.26 0.30 -2.24
N ASP A 144 -34.15 1.32 -1.37
CA ASP A 144 -33.47 2.61 -1.68
C ASP A 144 -32.20 2.77 -0.86
N TYR A 145 -31.74 1.71 -0.19
CA TYR A 145 -30.62 1.76 0.79
C TYR A 145 -29.30 2.20 0.13
N ILE A 146 -28.56 3.06 0.82
CA ILE A 146 -27.19 3.52 0.43
C ILE A 146 -26.31 3.47 1.68
N SER A 147 -25.30 2.58 1.70
CA SER A 147 -24.40 2.35 2.86
C SER A 147 -23.59 3.61 3.14
N GLU A 148 -23.31 3.84 4.42
CA GLU A 148 -22.31 4.83 4.88
C GLU A 148 -20.94 4.42 4.32
N PHE A 149 -20.74 3.13 4.05
CA PHE A 149 -19.42 2.57 3.67
C PHE A 149 -19.19 3.08 2.26
N ARG A 150 -18.00 3.61 2.11
CA ARG A 150 -17.31 3.93 0.85
C ARG A 150 -16.69 2.63 0.36
N PHE A 151 -17.11 2.19 -0.82
CA PHE A 151 -16.69 0.92 -1.46
C PHE A 151 -15.89 1.15 -2.73
N ALA A 152 -15.94 2.33 -3.33
CA ALA A 152 -15.51 2.52 -4.72
C ALA A 152 -15.19 3.98 -4.98
N PRO A 153 -14.35 4.26 -5.99
CA PRO A 153 -14.09 5.64 -6.42
C PRO A 153 -15.37 6.36 -6.86
N ASN A 154 -16.30 5.64 -7.49
CA ASN A 154 -17.61 6.20 -7.94
C ASN A 154 -18.72 5.22 -7.61
N HIS A 155 -19.57 5.63 -6.68
CA HIS A 155 -20.72 4.85 -6.18
C HIS A 155 -21.90 4.98 -7.14
N THR A 156 -22.57 3.87 -7.45
CA THR A 156 -23.83 3.81 -8.21
C THR A 156 -24.85 3.06 -7.36
N LYS A 157 -26.13 3.29 -7.60
CA LYS A 157 -27.21 2.51 -6.95
C LYS A 157 -27.03 1.02 -7.30
N GLU A 158 -26.68 0.69 -8.55
CA GLU A 158 -26.44 -0.71 -8.96
C GLU A 158 -25.39 -1.35 -8.05
N LEU A 159 -24.31 -0.62 -7.74
CA LEU A 159 -23.21 -1.19 -6.93
C LEU A 159 -23.75 -1.45 -5.52
N GLU A 160 -24.47 -0.50 -4.96
CA GLU A 160 -25.09 -0.62 -3.61
C GLU A 160 -25.99 -1.85 -3.55
N ASP A 161 -26.82 -2.05 -4.59
CA ASP A 161 -27.74 -3.20 -4.65
C ASP A 161 -26.92 -4.51 -4.64
N LYS A 162 -25.79 -4.54 -5.33
CA LYS A 162 -25.05 -5.80 -5.53
C LYS A 162 -24.32 -6.16 -4.24
N VAL A 163 -23.83 -5.15 -3.51
CA VAL A 163 -23.25 -5.33 -2.15
C VAL A 163 -24.30 -6.02 -1.29
N ILE A 164 -25.53 -5.56 -1.29
CA ILE A 164 -26.58 -6.12 -0.39
C ILE A 164 -26.90 -7.55 -0.85
N GLU A 165 -26.97 -7.81 -2.15
CA GLU A 165 -27.30 -9.16 -2.64
C GLU A 165 -26.25 -10.15 -2.13
N LEU A 166 -24.97 -9.77 -2.19
CA LEU A 166 -23.85 -10.66 -1.76
C LEU A 166 -23.80 -10.70 -0.24
N HIS A 167 -24.09 -9.60 0.46
CA HIS A 167 -24.13 -9.60 1.95
C HIS A 167 -25.15 -10.65 2.42
N LYS A 168 -26.27 -10.78 1.74
CA LYS A 168 -27.29 -11.77 2.16
C LYS A 168 -26.70 -13.18 2.18
N SER A 169 -25.74 -13.46 1.29
CA SER A 169 -25.20 -14.82 1.09
C SER A 169 -24.22 -15.14 2.23
N HIS A 170 -23.78 -14.16 3.02
CA HIS A 170 -22.67 -14.35 4.00
C HIS A 170 -23.18 -14.62 5.44
N ARG A 171 -24.43 -15.05 5.62
CA ARG A 171 -25.02 -15.24 6.97
C ARG A 171 -24.15 -16.21 7.79
N GLY A 172 -23.83 -15.84 9.04
CA GLY A 172 -23.07 -16.65 10.01
C GLY A 172 -21.57 -16.43 9.88
N MET A 173 -21.15 -15.62 8.91
CA MET A 173 -19.72 -15.34 8.70
C MET A 173 -19.25 -14.41 9.81
N THR A 174 -18.16 -14.79 10.45
CA THR A 174 -17.45 -14.09 11.54
C THR A 174 -16.53 -13.01 10.95
N PRO A 175 -16.24 -11.93 11.71
CA PRO A 175 -15.44 -10.83 11.18
C PRO A 175 -14.10 -11.27 10.62
N ALA A 176 -13.42 -12.19 11.31
CA ALA A 176 -12.09 -12.71 10.90
C ALA A 176 -12.26 -13.48 9.60
N GLU A 177 -13.37 -14.19 9.46
CA GLU A 177 -13.64 -15.02 8.27
C GLU A 177 -13.91 -14.10 7.07
N ALA A 178 -14.74 -13.07 7.23
CA ALA A 178 -15.11 -12.11 6.16
C ALA A 178 -13.84 -11.34 5.71
N GLU A 179 -13.01 -10.93 6.67
CA GLU A 179 -11.71 -10.24 6.39
C GLU A 179 -10.79 -11.16 5.59
N MET A 180 -10.71 -12.45 5.96
CA MET A 180 -9.85 -13.39 5.21
C MET A 180 -10.38 -13.50 3.77
N HIS A 181 -11.69 -13.63 3.57
CA HIS A 181 -12.32 -13.68 2.22
C HIS A 181 -12.02 -12.39 1.43
N PHE A 182 -12.13 -11.26 2.11
CA PHE A 182 -11.82 -9.98 1.47
C PHE A 182 -10.40 -10.06 0.90
N LEU A 183 -9.46 -10.55 1.70
CA LEU A 183 -8.03 -10.58 1.33
C LEU A 183 -7.77 -11.64 0.23
N GLU A 184 -8.48 -12.76 0.26
CA GLU A 184 -8.30 -13.84 -0.75
C GLU A 184 -8.65 -13.26 -2.14
N ASN A 185 -9.66 -12.39 -2.19
CA ASN A 185 -10.09 -11.71 -3.45
C ASN A 185 -9.09 -10.58 -3.81
N ALA A 186 -8.84 -9.67 -2.87
CA ALA A 186 -8.06 -8.45 -3.14
C ALA A 186 -6.65 -8.83 -3.64
N LYS A 187 -6.04 -9.86 -3.05
CA LYS A 187 -4.64 -10.27 -3.31
C LYS A 187 -4.47 -10.67 -4.79
N LYS A 188 -5.56 -10.94 -5.52
CA LYS A 188 -5.48 -11.45 -6.92
C LYS A 188 -5.57 -10.30 -7.93
N LEU A 189 -5.88 -9.09 -7.46
CA LEU A 189 -6.08 -7.94 -8.36
C LEU A 189 -4.71 -7.57 -8.95
N SER A 190 -4.69 -7.23 -10.22
CA SER A 190 -3.42 -7.03 -10.96
C SER A 190 -2.61 -5.89 -10.34
N MET A 191 -3.23 -4.91 -9.66
CA MET A 191 -2.47 -3.79 -9.06
C MET A 191 -2.34 -3.96 -7.54
N TYR A 192 -2.68 -5.12 -6.97
CA TYR A 192 -2.49 -5.38 -5.52
C TYR A 192 -1.04 -5.17 -5.13
N GLY A 193 -0.83 -4.25 -4.20
CA GLY A 193 0.47 -4.00 -3.56
C GLY A 193 1.47 -3.35 -4.52
N VAL A 194 1.00 -2.76 -5.63
CA VAL A 194 1.91 -2.16 -6.65
C VAL A 194 2.07 -0.69 -6.31
N ASP A 195 3.28 -0.25 -5.96
CA ASP A 195 3.63 1.18 -5.78
C ASP A 195 4.02 1.77 -7.14
N LEU A 196 3.25 2.71 -7.72
CA LEU A 196 3.46 3.25 -9.11
C LEU A 196 4.27 4.53 -9.09
N HIS A 197 5.29 4.62 -9.96
CA HIS A 197 6.14 5.82 -10.10
C HIS A 197 6.13 6.26 -11.57
N HIS A 198 5.72 7.50 -11.85
CA HIS A 198 5.87 8.14 -13.19
C HIS A 198 7.35 8.21 -13.59
N ALA A 199 7.66 7.87 -14.83
CA ALA A 199 9.05 7.91 -15.37
C ALA A 199 9.01 8.04 -16.89
N LYS A 200 10.18 8.27 -17.49
CA LYS A 200 10.39 8.23 -18.96
C LYS A 200 11.42 7.15 -19.23
N ASP A 201 11.26 6.44 -20.35
CA ASP A 201 12.26 5.42 -20.77
C ASP A 201 13.43 6.17 -21.40
N SER A 202 14.43 5.45 -21.90
CA SER A 202 15.67 6.01 -22.48
C SER A 202 15.41 6.74 -23.80
N GLU A 203 14.16 6.75 -24.29
CA GLU A 203 13.79 7.48 -25.54
C GLU A 203 12.90 8.69 -25.20
N GLY A 204 12.57 8.91 -23.92
CA GLY A 204 11.67 10.00 -23.48
C GLY A 204 10.20 9.60 -23.48
N VAL A 205 9.87 8.33 -23.75
CA VAL A 205 8.45 7.83 -23.76
C VAL A 205 8.01 7.64 -22.30
N GLU A 206 6.83 8.17 -21.97
CA GLU A 206 6.24 8.19 -20.61
C GLU A 206 5.79 6.78 -20.25
N ILE A 207 6.32 6.23 -19.17
CA ILE A 207 5.97 4.88 -18.64
C ILE A 207 5.58 5.04 -17.17
N MET A 208 5.10 3.95 -16.57
CA MET A 208 5.01 3.82 -15.10
C MET A 208 5.92 2.67 -14.68
N LEU A 209 6.61 2.84 -13.56
CA LEU A 209 7.35 1.74 -12.91
C LEU A 209 6.56 1.32 -11.66
N GLY A 210 6.23 0.05 -11.55
CA GLY A 210 5.51 -0.46 -10.36
C GLY A 210 6.46 -1.25 -9.51
N VAL A 211 6.42 -1.05 -8.20
CA VAL A 211 7.25 -1.82 -7.25
C VAL A 211 6.33 -2.69 -6.40
N CYS A 212 6.60 -3.99 -6.36
CA CYS A 212 5.79 -4.94 -5.57
C CYS A 212 6.63 -6.16 -5.19
N ALA A 213 6.02 -7.07 -4.46
CA ALA A 213 6.65 -8.31 -3.95
C ALA A 213 7.35 -9.09 -5.08
N SER A 214 6.73 -9.23 -6.24
CA SER A 214 7.19 -10.16 -7.31
C SER A 214 8.28 -9.46 -8.15
N GLY A 215 8.43 -8.14 -8.03
CA GLY A 215 9.58 -7.45 -8.63
C GLY A 215 9.24 -6.07 -9.10
N LEU A 216 9.90 -5.65 -10.18
CA LEU A 216 9.75 -4.31 -10.81
C LEU A 216 8.96 -4.50 -12.12
N LEU A 217 7.88 -3.73 -12.30
CA LEU A 217 7.01 -3.82 -13.49
C LEU A 217 7.22 -2.52 -14.28
N ILE A 218 7.26 -2.62 -15.61
CA ILE A 218 7.38 -1.46 -16.53
C ILE A 218 6.14 -1.41 -17.43
N TYR A 219 5.19 -0.53 -17.11
CA TYR A 219 3.93 -0.31 -17.87
C TYR A 219 4.19 0.71 -18.98
N ARG A 220 4.22 0.24 -20.23
CA ARG A 220 4.54 1.06 -21.43
C ARG A 220 3.24 1.43 -22.16
N ASP A 221 2.66 0.46 -22.88
CA ASP A 221 1.46 0.67 -23.75
C ASP A 221 0.56 -0.56 -23.67
N ARG A 222 -0.34 -0.60 -22.67
CA ARG A 222 -1.29 -1.71 -22.41
C ARG A 222 -0.69 -3.04 -22.88
N LEU A 223 -0.28 -3.10 -24.15
CA LEU A 223 0.36 -4.30 -24.77
C LEU A 223 1.86 -4.30 -24.43
N ARG A 224 2.41 -5.49 -24.17
CA ARG A 224 3.78 -5.69 -23.63
C ARG A 224 3.96 -4.88 -22.34
N ILE A 225 3.81 -5.55 -21.19
CA ILE A 225 4.23 -5.05 -19.86
C ILE A 225 5.43 -5.90 -19.43
N ASN A 226 6.60 -5.28 -19.30
CA ASN A 226 7.88 -5.95 -18.96
C ASN A 226 7.96 -6.09 -17.43
N ARG A 227 8.38 -7.26 -16.94
CA ARG A 227 8.46 -7.58 -15.49
C ARG A 227 9.84 -8.17 -15.18
N PHE A 228 10.46 -7.71 -14.09
CA PHE A 228 11.78 -8.18 -13.64
C PHE A 228 11.58 -8.73 -12.24
N ALA A 229 11.45 -10.06 -12.11
CA ALA A 229 11.43 -10.76 -10.81
C ALA A 229 12.65 -10.28 -10.02
N TRP A 230 12.52 -10.08 -8.72
CA TRP A 230 13.63 -9.58 -7.88
C TRP A 230 14.90 -10.39 -8.15
N PRO A 231 14.89 -11.75 -8.06
CA PRO A 231 16.12 -12.51 -8.20
C PRO A 231 16.95 -12.04 -9.41
N LYS A 232 16.29 -11.65 -10.51
CA LYS A 232 16.92 -11.20 -11.77
C LYS A 232 17.47 -9.76 -11.69
N VAL A 233 17.54 -9.14 -10.50
CA VAL A 233 18.01 -7.74 -10.32
C VAL A 233 19.21 -7.73 -9.36
N LEU A 234 20.43 -7.48 -9.85
CA LEU A 234 21.65 -7.52 -8.99
C LEU A 234 21.91 -6.13 -8.42
N LYS A 235 21.67 -5.09 -9.21
CA LYS A 235 22.01 -3.73 -8.79
C LYS A 235 20.90 -2.76 -9.23
N ILE A 236 20.55 -1.93 -8.25
CA ILE A 236 19.59 -0.79 -8.34
C ILE A 236 20.44 0.44 -8.01
N SER A 237 20.43 1.46 -8.86
CA SER A 237 21.17 2.71 -8.59
C SER A 237 20.41 3.93 -9.12
N TYR A 238 20.76 5.09 -8.60
CA TYR A 238 20.28 6.40 -9.09
C TYR A 238 21.47 7.35 -9.20
N LYS A 239 21.36 8.29 -10.13
CA LYS A 239 22.37 9.36 -10.28
C LYS A 239 21.64 10.53 -10.93
N ARG A 240 21.69 11.72 -10.33
CA ARG A 240 20.95 12.90 -10.84
C ARG A 240 19.45 12.55 -10.91
N ASN A 241 18.81 12.70 -12.07
CA ASN A 241 17.36 12.42 -12.28
C ASN A 241 17.15 11.01 -12.83
N ASN A 242 18.19 10.16 -12.82
CA ASN A 242 18.17 8.85 -13.51
C ASN A 242 18.16 7.69 -12.51
N PHE A 243 17.44 6.65 -12.88
CA PHE A 243 17.33 5.41 -12.09
C PHE A 243 17.72 4.27 -13.04
N TYR A 244 18.59 3.37 -12.59
CA TYR A 244 19.16 2.28 -13.41
C TYR A 244 18.93 0.95 -12.69
N ILE A 245 18.57 -0.08 -13.45
CA ILE A 245 18.66 -1.47 -12.92
C ILE A 245 19.59 -2.32 -13.78
N LYS A 246 20.37 -3.19 -13.13
CA LYS A 246 21.23 -4.21 -13.78
C LYS A 246 20.41 -5.50 -13.95
N ILE A 247 20.08 -5.92 -15.18
CA ILE A 247 19.27 -7.13 -15.50
C ILE A 247 20.20 -8.29 -15.88
N ARG A 248 20.16 -9.37 -15.09
CA ARG A 248 21.17 -10.46 -15.08
C ARG A 248 21.46 -10.94 -16.51
N PRO A 249 22.67 -11.49 -16.74
CA PRO A 249 22.93 -12.21 -17.98
C PRO A 249 22.09 -13.49 -17.96
N GLY A 250 21.24 -13.68 -18.97
CA GLY A 250 20.61 -14.99 -19.22
C GLY A 250 21.67 -16.07 -19.20
N GLU A 251 21.25 -17.33 -19.12
CA GLU A 251 22.16 -18.50 -19.30
C GLU A 251 22.99 -18.28 -20.57
N PHE A 252 24.30 -18.48 -20.50
CA PHE A 252 25.23 -18.43 -21.66
C PHE A 252 25.42 -17.00 -22.19
N GLU A 253 24.87 -15.97 -21.53
CA GLU A 253 25.11 -14.57 -21.97
C GLU A 253 26.35 -14.08 -21.21
N GLN A 254 27.21 -13.31 -21.90
CA GLN A 254 28.52 -12.89 -21.35
C GLN A 254 28.33 -11.76 -20.33
N PHE A 255 27.34 -10.86 -20.55
CA PHE A 255 27.21 -9.59 -19.80
C PHE A 255 25.78 -9.30 -19.31
N GLU A 256 25.67 -8.81 -18.07
CA GLU A 256 24.49 -8.09 -17.52
C GLU A 256 23.99 -7.04 -18.54
N SER A 257 22.68 -6.73 -18.55
CA SER A 257 22.12 -5.62 -19.36
C SER A 257 21.72 -4.46 -18.43
N THR A 258 21.60 -3.23 -18.95
CA THR A 258 21.30 -2.03 -18.13
C THR A 258 20.10 -1.31 -18.74
N ILE A 259 19.13 -0.98 -17.90
CA ILE A 259 17.92 -0.23 -18.33
C ILE A 259 17.88 1.04 -17.49
N GLY A 260 17.76 2.16 -18.18
CA GLY A 260 17.80 3.50 -17.55
C GLY A 260 16.48 4.17 -17.67
N PHE A 261 16.11 4.91 -16.63
CA PHE A 261 14.86 5.71 -16.62
C PHE A 261 15.16 7.12 -16.13
N LYS A 262 14.41 8.07 -16.67
CA LYS A 262 14.41 9.48 -16.24
C LYS A 262 13.23 9.70 -15.31
N LEU A 263 13.51 10.14 -14.08
CA LEU A 263 12.45 10.47 -13.10
C LEU A 263 12.25 11.99 -13.12
N PRO A 264 11.08 12.47 -12.66
CA PRO A 264 10.74 13.90 -12.65
C PRO A 264 11.85 14.80 -12.10
N ASN A 265 12.54 14.35 -11.07
CA ASN A 265 13.54 15.17 -10.36
C ASN A 265 14.40 14.21 -9.54
N HIS A 266 15.47 14.71 -8.95
CA HIS A 266 16.47 13.91 -8.23
C HIS A 266 15.83 13.21 -7.01
N ARG A 267 14.88 13.86 -6.35
CA ARG A 267 14.28 13.29 -5.11
C ARG A 267 13.42 12.10 -5.52
N ALA A 268 12.70 12.20 -6.64
CA ALA A 268 11.84 11.12 -7.17
C ALA A 268 12.72 9.90 -7.55
N ALA A 269 13.89 10.13 -8.15
CA ALA A 269 14.83 9.03 -8.49
C ALA A 269 15.28 8.33 -7.19
N LYS A 270 15.60 9.10 -6.15
CA LYS A 270 16.15 8.52 -4.88
C LYS A 270 15.04 7.73 -4.18
N ARG A 271 13.83 8.27 -4.15
CA ARG A 271 12.64 7.65 -3.51
C ARG A 271 12.37 6.29 -4.18
N LEU A 272 12.39 6.23 -5.51
CA LEU A 272 12.16 4.97 -6.26
C LEU A 272 13.28 3.97 -5.92
N TRP A 273 14.53 4.41 -5.93
CA TRP A 273 15.67 3.54 -5.56
C TRP A 273 15.46 2.96 -4.15
N LYS A 274 15.04 3.77 -3.18
CA LYS A 274 14.95 3.31 -1.77
C LYS A 274 13.82 2.29 -1.63
N VAL A 275 12.67 2.55 -2.23
CA VAL A 275 11.50 1.62 -2.15
C VAL A 275 11.85 0.31 -2.87
N CYS A 276 12.61 0.35 -3.96
CA CYS A 276 13.07 -0.87 -4.67
C CYS A 276 14.00 -1.70 -3.78
N VAL A 277 15.01 -1.07 -3.18
CA VAL A 277 15.99 -1.75 -2.26
C VAL A 277 15.20 -2.39 -1.12
N GLU A 278 14.25 -1.64 -0.54
CA GLU A 278 13.46 -2.16 0.60
C GLU A 278 12.61 -3.37 0.19
N HIS A 279 11.92 -3.28 -0.95
CA HIS A 279 11.09 -4.40 -1.49
C HIS A 279 11.99 -5.60 -1.79
N HIS A 280 13.16 -5.36 -2.40
CA HIS A 280 14.14 -6.43 -2.71
C HIS A 280 14.55 -7.12 -1.41
N THR A 281 14.93 -6.35 -0.39
CA THR A 281 15.37 -6.85 0.94
C THR A 281 14.23 -7.64 1.59
N PHE A 282 13.01 -7.11 1.58
CA PHE A 282 11.83 -7.72 2.25
C PHE A 282 11.44 -9.03 1.56
N PHE A 283 11.31 -9.01 0.24
CA PHE A 283 10.67 -10.09 -0.56
C PHE A 283 11.73 -10.97 -1.22
N ARG A 284 12.98 -10.86 -0.79
CA ARG A 284 14.17 -11.58 -1.35
C ARG A 284 13.89 -13.08 -1.44
N LEU A 285 13.42 -13.71 -0.36
CA LEU A 285 13.28 -15.19 -0.25
C LEU A 285 11.80 -15.59 -0.41
N LEU A 286 11.00 -14.72 -1.03
CA LEU A 286 9.60 -15.01 -1.43
C LEU A 286 9.62 -16.15 -2.46
#